data_5U45
#
_entry.id   5U45
#
_cell.length_a   39.530
_cell.length_b   95.260
_cell.length_c   96.440
_cell.angle_alpha   90.00
_cell.angle_beta   97.56
_cell.angle_gamma   90.00
#
_symmetry.space_group_name_H-M   'P 1 21 1'
#
loop_
_entity.id
_entity.type
_entity.pdbx_description
1 polymer 'Peroxisome proliferator-activated receptor delta'
2 non-polymer 'heptyl beta-D-glucopyranoside'
3 non-polymer "6-(2-{[cyclopropyl(3'-fluoro[1,1'-biphenyl]-4-carbonyl)amino]methyl}phenoxy)hexanoic acid"
4 non-polymer DI(HYDROXYETHYL)ETHER
5 non-polymer S-1,2-PROPANEDIOL
6 water water
#
_entity_poly.entity_id   1
_entity_poly.type   'polypeptide(L)'
_entity_poly.pdbx_seq_one_letter_code
;PQVADLKAFSKHIYNAYLKNFNMTKKKARSILTGKASHTAPFVIHDIETLWQAEKGLVWKQLVNGLPPYKEISVHVFYRC
QCTTVETVRELTEFAKSIPSFSSLFLNDQVTLLKYGVHEAIFAMLASIVNKDGLLVANGSGFVTREFLRSLRKPFSDIIE
PKFEFAVKFNALELDDSDLALFIAAIILCGDRPGLMNVPRVEAIQDTILRALEFHLQANHPDAQYLFPKLLQKMADLRQL
VTEHAQMMQRIKKTETETSLHPLLQEIYKDMY
;
_entity_poly.pdbx_strand_id   A,B
#
# COMPACT_ATOMS: atom_id res chain seq x y z
N ASP A 5 -21.27 5.17 18.08
CA ASP A 5 -20.55 4.07 17.47
C ASP A 5 -21.00 3.91 16.01
N LEU A 6 -22.02 3.07 15.79
CA LEU A 6 -22.42 2.71 14.42
C LEU A 6 -23.03 3.86 13.63
N LYS A 7 -23.74 4.76 14.31
CA LYS A 7 -24.35 5.89 13.62
C LYS A 7 -23.27 6.80 13.03
N ALA A 8 -22.26 7.12 13.85
CA ALA A 8 -21.17 7.99 13.45
C ALA A 8 -20.19 7.24 12.55
N PHE A 9 -20.10 5.92 12.78
CA PHE A 9 -19.35 5.05 11.89
C PHE A 9 -19.86 5.26 10.47
N SER A 10 -21.14 4.96 10.28
CA SER A 10 -21.78 5.11 8.98
C SER A 10 -21.61 6.52 8.40
N LYS A 11 -21.75 7.52 9.24
CA LYS A 11 -21.69 8.91 8.80
C LYS A 11 -20.29 9.27 8.28
N HIS A 12 -19.27 8.71 8.92
CA HIS A 12 -17.90 8.91 8.48
C HIS A 12 -17.66 8.23 7.14
N ILE A 13 -18.25 7.06 6.95
CA ILE A 13 -18.15 6.34 5.68
C ILE A 13 -18.88 7.13 4.57
N TYR A 14 -20.04 7.69 4.92
CA TYR A 14 -20.86 8.42 3.95
C TYR A 14 -20.12 9.68 3.47
N ASN A 15 -19.46 10.35 4.38
CA ASN A 15 -18.70 11.55 4.03
C ASN A 15 -17.45 11.18 3.22
N ALA A 16 -16.87 10.02 3.51
CA ALA A 16 -15.74 9.52 2.72
C ALA A 16 -16.18 9.22 1.30
N TYR A 17 -17.40 8.72 1.16
CA TYR A 17 -17.98 8.39 -0.13
C TYR A 17 -18.28 9.67 -0.94
N LEU A 18 -18.85 10.67 -0.29
CA LEU A 18 -19.14 11.94 -0.93
C LEU A 18 -17.84 12.66 -1.29
N LYS A 19 -16.84 12.50 -0.46
CA LYS A 19 -15.57 13.19 -0.63
C LYS A 19 -14.77 12.65 -1.82
N ASN A 20 -14.83 11.34 -2.04
CA ASN A 20 -13.92 10.70 -3.00
C ASN A 20 -14.51 10.32 -4.35
N PHE A 21 -15.84 10.27 -4.46
CA PHE A 21 -16.50 9.95 -5.73
C PHE A 21 -17.16 11.18 -6.34
N ASN A 22 -16.75 11.53 -7.56
CA ASN A 22 -17.25 12.72 -8.23
C ASN A 22 -18.72 12.56 -8.61
N MET A 23 -19.04 11.45 -9.27
CA MET A 23 -20.42 11.14 -9.63
C MET A 23 -21.10 10.34 -8.52
N THR A 24 -22.12 10.92 -7.91
CA THR A 24 -22.94 10.21 -6.94
C THR A 24 -24.24 9.76 -7.60
N LYS A 25 -24.93 8.80 -6.98
CA LYS A 25 -26.17 8.29 -7.56
C LYS A 25 -27.25 9.36 -7.61
N LYS A 26 -27.19 10.32 -6.67
CA LYS A 26 -28.14 11.43 -6.67
C LYS A 26 -27.97 12.28 -7.92
N LYS A 27 -26.73 12.68 -8.19
CA LYS A 27 -26.42 13.47 -9.37
C LYS A 27 -26.81 12.70 -10.64
N ALA A 28 -26.49 11.41 -10.66
CA ALA A 28 -26.71 10.58 -11.84
C ALA A 28 -28.19 10.45 -12.18
N ARG A 29 -29.02 10.16 -11.19
CA ARG A 29 -30.45 9.95 -11.43
C ARG A 29 -31.10 11.21 -11.99
N SER A 30 -30.71 12.37 -11.49
CA SER A 30 -31.29 13.63 -11.95
C SER A 30 -31.01 13.83 -13.44
N ILE A 31 -29.80 13.49 -13.86
CA ILE A 31 -29.42 13.59 -15.27
C ILE A 31 -30.21 12.58 -16.11
N LEU A 32 -30.31 11.35 -15.61
CA LEU A 32 -30.97 10.28 -16.32
C LEU A 32 -32.49 10.47 -16.41
N THR A 33 -32.99 11.56 -15.82
CA THR A 33 -34.40 11.90 -15.90
C THR A 33 -34.59 13.21 -16.67
N ALA A 40 -29.66 18.14 -21.19
CA ALA A 40 -29.68 16.69 -21.41
C ALA A 40 -28.33 16.23 -21.95
N PRO A 41 -28.04 14.92 -21.82
CA PRO A 41 -26.75 14.39 -22.28
C PRO A 41 -26.75 14.01 -23.76
N PHE A 42 -25.60 14.17 -24.42
CA PHE A 42 -25.45 13.82 -25.82
C PHE A 42 -25.45 12.32 -26.02
N VAL A 43 -26.32 11.82 -26.88
CA VAL A 43 -26.50 10.39 -27.02
C VAL A 43 -25.57 9.80 -28.07
N ILE A 44 -24.73 8.87 -27.62
CA ILE A 44 -23.85 8.10 -28.48
C ILE A 44 -24.50 6.75 -28.78
N HIS A 45 -24.86 6.53 -30.05
CA HIS A 45 -25.56 5.31 -30.44
C HIS A 45 -25.03 4.70 -31.74
N ASP A 46 -24.06 5.36 -32.35
CA ASP A 46 -23.42 4.83 -33.55
C ASP A 46 -22.06 5.47 -33.78
N ILE A 47 -21.38 5.08 -34.86
CA ILE A 47 -20.03 5.54 -35.12
C ILE A 47 -19.98 7.06 -35.26
N GLU A 48 -20.93 7.64 -35.99
CA GLU A 48 -20.93 9.08 -36.22
C GLU A 48 -21.07 9.87 -34.93
N THR A 49 -22.00 9.47 -34.07
CA THR A 49 -22.22 10.17 -32.81
C THR A 49 -21.06 9.93 -31.85
N LEU A 50 -20.42 8.77 -31.97
CA LEU A 50 -19.20 8.50 -31.20
C LEU A 50 -18.12 9.49 -31.61
N TRP A 51 -17.92 9.65 -32.92
CA TRP A 51 -16.95 10.60 -33.45
C TRP A 51 -17.26 12.01 -32.97
N GLN A 52 -18.50 12.43 -33.13
CA GLN A 52 -18.94 13.74 -32.67
C GLN A 52 -18.69 13.90 -31.16
N ALA A 53 -18.93 12.84 -30.40
CA ALA A 53 -18.74 12.89 -28.97
C ALA A 53 -17.27 13.13 -28.61
N GLU A 54 -16.38 12.43 -29.31
CA GLU A 54 -14.95 12.60 -29.10
C GLU A 54 -14.51 14.01 -29.47
N LYS A 55 -15.14 14.58 -30.48
CA LYS A 55 -14.83 15.94 -30.91
C LYS A 55 -15.44 16.98 -29.99
N GLY A 56 -16.63 16.67 -29.46
CA GLY A 56 -17.45 17.67 -28.79
C GLY A 56 -17.47 17.64 -27.26
N LEU A 57 -17.44 16.44 -26.69
CA LEU A 57 -17.55 16.29 -25.24
C LEU A 57 -16.19 16.42 -24.53
N VAL A 58 -16.23 16.93 -23.31
CA VAL A 58 -15.06 16.92 -22.44
C VAL A 58 -14.93 15.56 -21.78
N TRP A 59 -13.75 14.95 -21.94
CA TRP A 59 -13.45 13.67 -21.32
C TRP A 59 -12.38 13.87 -20.26
N LYS A 60 -12.39 13.02 -19.22
CA LYS A 60 -11.40 13.14 -18.15
C LYS A 60 -10.01 12.77 -18.65
N GLN A 61 -9.94 11.75 -19.52
CA GLN A 61 -8.69 11.37 -20.18
C GLN A 61 -8.73 11.81 -21.64
N LEU A 62 -7.71 12.54 -22.07
CA LEU A 62 -7.67 13.10 -23.42
C LEU A 62 -7.41 12.01 -24.47
N VAL A 63 -8.05 12.17 -25.63
CA VAL A 63 -8.12 11.12 -26.63
C VAL A 63 -6.75 10.74 -27.18
N ASN A 64 -5.89 11.73 -27.40
CA ASN A 64 -4.54 11.44 -27.85
C ASN A 64 -3.74 10.77 -26.74
N GLY A 65 -4.25 10.86 -25.52
CA GLY A 65 -3.63 10.22 -24.38
C GLY A 65 -3.88 8.72 -24.36
N LEU A 66 -4.94 8.29 -25.04
CA LEU A 66 -5.24 6.87 -25.17
C LEU A 66 -4.14 6.18 -25.96
N PRO A 67 -4.10 4.83 -25.90
CA PRO A 67 -3.16 4.10 -26.75
C PRO A 67 -3.46 4.35 -28.23
N PRO A 68 -2.49 4.04 -29.12
CA PRO A 68 -2.72 4.20 -30.56
C PRO A 68 -4.04 3.58 -31.02
N TYR A 69 -4.73 4.27 -31.92
CA TYR A 69 -6.02 3.80 -32.40
C TYR A 69 -5.88 2.49 -33.16
N LYS A 70 -6.84 1.59 -32.97
CA LYS A 70 -6.88 0.33 -33.69
C LYS A 70 -8.22 0.19 -34.42
N GLU A 71 -9.31 0.29 -33.68
CA GLU A 71 -10.65 0.20 -34.26
C GLU A 71 -11.70 0.68 -33.26
N ILE A 72 -12.94 0.75 -33.72
CA ILE A 72 -14.03 1.28 -32.90
C ILE A 72 -14.26 0.49 -31.62
N SER A 73 -14.41 -0.83 -31.74
CA SER A 73 -14.65 -1.68 -30.58
C SER A 73 -13.54 -1.57 -29.55
N VAL A 74 -12.30 -1.46 -30.04
CA VAL A 74 -11.15 -1.36 -29.16
C VAL A 74 -11.07 0.02 -28.52
N HIS A 75 -11.43 1.04 -29.28
CA HIS A 75 -11.48 2.40 -28.76
C HIS A 75 -12.43 2.51 -27.59
N VAL A 76 -13.61 1.89 -27.72
CA VAL A 76 -14.58 1.87 -26.65
C VAL A 76 -13.98 1.16 -25.44
N PHE A 77 -13.33 0.03 -25.70
CA PHE A 77 -12.70 -0.75 -24.64
C PHE A 77 -11.65 0.07 -23.89
N TYR A 78 -10.90 0.89 -24.61
CA TYR A 78 -9.90 1.75 -23.99
C TYR A 78 -10.54 2.79 -23.09
N ARG A 79 -11.66 3.36 -23.54
CA ARG A 79 -12.42 4.30 -22.72
C ARG A 79 -13.00 3.63 -21.47
N CYS A 80 -13.46 2.38 -21.60
CA CYS A 80 -13.94 1.62 -20.44
C CYS A 80 -12.80 1.43 -19.46
N GLN A 81 -11.65 1.06 -20.01
CA GLN A 81 -10.46 0.79 -19.22
C GLN A 81 -9.98 2.05 -18.50
N CYS A 82 -10.06 3.19 -19.17
CA CYS A 82 -9.72 4.47 -18.57
C CYS A 82 -10.59 4.77 -17.35
N THR A 83 -11.89 4.58 -17.51
CA THR A 83 -12.84 4.82 -16.43
C THR A 83 -12.62 3.85 -15.28
N THR A 84 -12.30 2.61 -15.62
CA THR A 84 -12.05 1.59 -14.61
C THR A 84 -10.86 2.00 -13.72
N VAL A 85 -9.77 2.41 -14.35
CA VAL A 85 -8.57 2.80 -13.62
C VAL A 85 -8.83 4.03 -12.77
N GLU A 86 -9.63 4.97 -13.28
CA GLU A 86 -9.95 6.16 -12.51
C GLU A 86 -10.82 5.84 -11.29
N THR A 87 -11.70 4.84 -11.42
CA THR A 87 -12.56 4.46 -10.31
C THR A 87 -11.75 3.69 -9.25
N VAL A 88 -10.70 3.00 -9.68
CA VAL A 88 -9.78 2.34 -8.74
C VAL A 88 -9.08 3.38 -7.88
N ARG A 89 -8.65 4.48 -8.50
CA ARG A 89 -7.99 5.56 -7.78
C ARG A 89 -8.93 6.18 -6.74
N GLU A 90 -10.19 6.35 -7.11
CA GLU A 90 -11.20 6.89 -6.21
C GLU A 90 -11.50 5.93 -5.06
N LEU A 91 -11.60 4.64 -5.38
CA LEU A 91 -11.86 3.62 -4.38
C LEU A 91 -10.71 3.53 -3.38
N THR A 92 -9.49 3.71 -3.88
CA THR A 92 -8.31 3.66 -3.03
C THR A 92 -8.34 4.80 -2.02
N GLU A 93 -8.66 6.01 -2.48
CA GLU A 93 -8.72 7.15 -1.58
C GLU A 93 -9.94 7.05 -0.66
N PHE A 94 -11.02 6.48 -1.16
CA PHE A 94 -12.20 6.21 -0.33
C PHE A 94 -11.83 5.26 0.82
N ALA A 95 -11.18 4.16 0.46
CA ALA A 95 -10.77 3.16 1.44
C ALA A 95 -9.81 3.76 2.47
N LYS A 96 -8.91 4.62 2.00
CA LYS A 96 -7.92 5.24 2.88
C LYS A 96 -8.56 6.28 3.80
N SER A 97 -9.76 6.73 3.44
CA SER A 97 -10.50 7.66 4.29
C SER A 97 -11.23 6.92 5.41
N ILE A 98 -11.09 5.60 5.45
CA ILE A 98 -11.62 4.78 6.54
C ILE A 98 -10.50 4.43 7.54
N PRO A 99 -10.53 5.00 8.75
CA PRO A 99 -9.45 4.79 9.73
C PRO A 99 -9.01 3.34 9.89
N SER A 100 -9.96 2.42 10.06
CA SER A 100 -9.63 1.01 10.27
C SER A 100 -8.94 0.40 9.05
N PHE A 101 -9.25 0.88 7.85
CA PHE A 101 -8.59 0.39 6.64
C PHE A 101 -7.14 0.87 6.60
N SER A 102 -6.92 2.14 6.92
CA SER A 102 -5.57 2.69 6.88
C SER A 102 -4.70 2.16 8.02
N SER A 103 -5.34 1.56 9.02
CA SER A 103 -4.61 0.97 10.14
C SER A 103 -3.99 -0.37 9.75
N LEU A 104 -4.54 -1.00 8.73
CA LEU A 104 -4.00 -2.25 8.19
C LEU A 104 -2.61 -2.03 7.61
N PHE A 105 -1.75 -3.05 7.70
CA PHE A 105 -0.46 -2.98 7.03
C PHE A 105 -0.70 -2.78 5.53
N LEU A 106 0.21 -2.07 4.87
CA LEU A 106 -0.03 -1.61 3.51
C LEU A 106 -0.23 -2.77 2.53
N ASN A 107 0.39 -3.91 2.80
CA ASN A 107 0.23 -5.08 1.93
C ASN A 107 -1.19 -5.62 1.98
N ASP A 108 -1.80 -5.61 3.16
CA ASP A 108 -3.20 -6.02 3.28
C ASP A 108 -4.12 -5.02 2.57
N GLN A 109 -3.82 -3.73 2.66
CA GLN A 109 -4.58 -2.72 1.94
C GLN A 109 -4.61 -3.03 0.45
N VAL A 110 -3.44 -3.33 -0.11
CA VAL A 110 -3.34 -3.63 -1.53
C VAL A 110 -4.10 -4.91 -1.87
N THR A 111 -4.02 -5.91 -1.00
CA THR A 111 -4.72 -7.18 -1.23
C THR A 111 -6.22 -6.97 -1.30
N LEU A 112 -6.74 -6.13 -0.42
CA LEU A 112 -8.19 -5.90 -0.37
C LEU A 112 -8.65 -5.17 -1.61
N LEU A 113 -7.89 -4.14 -2.01
CA LEU A 113 -8.25 -3.39 -3.19
C LEU A 113 -8.14 -4.27 -4.42
N LYS A 114 -7.06 -5.05 -4.52
CA LYS A 114 -6.85 -5.90 -5.68
C LYS A 114 -8.06 -6.79 -5.97
N TYR A 115 -8.60 -7.42 -4.93
CA TYR A 115 -9.67 -8.39 -5.10
C TYR A 115 -11.05 -7.79 -4.88
N GLY A 116 -11.09 -6.52 -4.48
CA GLY A 116 -12.35 -5.86 -4.15
C GLY A 116 -12.83 -4.81 -5.15
N VAL A 117 -11.92 -4.13 -5.84
CA VAL A 117 -12.29 -2.95 -6.61
C VAL A 117 -13.28 -3.23 -7.74
N HIS A 118 -13.15 -4.36 -8.42
CA HIS A 118 -14.05 -4.66 -9.53
C HIS A 118 -15.46 -4.95 -9.05
N GLU A 119 -15.59 -5.62 -7.90
CA GLU A 119 -16.90 -5.84 -7.32
C GLU A 119 -17.53 -4.50 -6.97
N ALA A 120 -16.73 -3.61 -6.41
CA ALA A 120 -17.21 -2.28 -6.02
C ALA A 120 -17.55 -1.44 -7.26
N ILE A 121 -16.73 -1.54 -8.30
CA ILE A 121 -16.97 -0.80 -9.54
C ILE A 121 -18.30 -1.22 -10.18
N PHE A 122 -18.53 -2.52 -10.28
CA PHE A 122 -19.72 -3.01 -10.96
C PHE A 122 -20.97 -2.77 -10.13
N ALA A 123 -20.82 -2.64 -8.81
CA ALA A 123 -21.94 -2.25 -7.97
C ALA A 123 -22.26 -0.76 -8.17
N MET A 124 -21.22 0.08 -8.16
CA MET A 124 -21.41 1.52 -8.31
C MET A 124 -21.85 1.87 -9.72
N LEU A 125 -21.49 1.01 -10.66
CA LEU A 125 -21.85 1.19 -12.07
C LEU A 125 -23.36 1.34 -12.24
N ALA A 126 -24.13 0.62 -11.45
CA ALA A 126 -25.59 0.65 -11.55
C ALA A 126 -26.13 2.07 -11.36
N SER A 127 -25.41 2.88 -10.59
CA SER A 127 -25.86 4.25 -10.31
C SER A 127 -25.99 5.10 -11.56
N ILE A 128 -25.14 4.85 -12.56
CA ILE A 128 -25.16 5.62 -13.80
C ILE A 128 -25.81 4.85 -14.96
N VAL A 129 -26.54 3.79 -14.64
CA VAL A 129 -27.10 2.89 -15.63
C VAL A 129 -28.63 2.86 -15.59
N ASN A 130 -29.25 2.78 -16.76
CA ASN A 130 -30.63 2.34 -16.86
C ASN A 130 -30.71 1.24 -17.92
N LYS A 131 -31.91 0.77 -18.22
CA LYS A 131 -32.05 -0.38 -19.11
C LYS A 131 -31.71 -0.03 -20.55
N ASP A 132 -31.55 1.26 -20.84
CA ASP A 132 -31.29 1.73 -22.21
C ASP A 132 -29.83 2.12 -22.46
N GLY A 133 -29.05 2.32 -21.40
CA GLY A 133 -27.65 2.67 -21.56
C GLY A 133 -27.02 3.20 -20.29
N LEU A 134 -25.96 3.99 -20.43
CA LEU A 134 -25.27 4.53 -19.27
C LEU A 134 -24.58 5.86 -19.57
N LEU A 135 -24.33 6.63 -18.51
CA LEU A 135 -23.73 7.94 -18.62
C LEU A 135 -22.23 7.86 -18.81
N VAL A 136 -21.69 8.69 -19.69
CA VAL A 136 -20.25 8.79 -19.91
C VAL A 136 -19.82 10.25 -19.87
N ALA A 137 -18.50 10.47 -19.84
CA ALA A 137 -17.93 11.81 -19.90
C ALA A 137 -18.47 12.69 -18.77
N ASN A 138 -18.48 12.13 -17.56
CA ASN A 138 -18.92 12.86 -16.37
C ASN A 138 -20.37 13.32 -16.50
N GLY A 139 -21.21 12.52 -17.13
CA GLY A 139 -22.62 12.85 -17.30
C GLY A 139 -22.93 13.67 -18.54
N SER A 140 -21.90 14.06 -19.28
CA SER A 140 -22.08 14.85 -20.50
C SER A 140 -22.71 14.05 -21.63
N GLY A 141 -22.50 12.74 -21.63
CA GLY A 141 -22.99 11.87 -22.68
C GLY A 141 -23.75 10.67 -22.15
N PHE A 142 -24.40 9.96 -23.05
CA PHE A 142 -25.15 8.76 -22.71
C PHE A 142 -25.02 7.74 -23.83
N VAL A 143 -24.27 6.67 -23.56
CA VAL A 143 -24.04 5.63 -24.55
C VAL A 143 -25.16 4.59 -24.46
N THR A 144 -25.79 4.29 -25.58
CA THR A 144 -26.90 3.34 -25.58
C THR A 144 -26.41 1.91 -25.43
N ARG A 145 -27.20 1.12 -24.72
CA ARG A 145 -26.94 -0.28 -24.48
C ARG A 145 -26.89 -1.06 -25.79
N GLU A 146 -27.74 -0.66 -26.73
CA GLU A 146 -27.80 -1.31 -28.04
C GLU A 146 -26.52 -1.10 -28.85
N PHE A 147 -25.95 0.10 -28.77
CA PHE A 147 -24.69 0.38 -29.46
C PHE A 147 -23.58 -0.49 -28.88
N LEU A 148 -23.51 -0.59 -27.56
CA LEU A 148 -22.51 -1.42 -26.90
C LEU A 148 -22.71 -2.88 -27.29
N ARG A 149 -23.96 -3.28 -27.49
CA ARG A 149 -24.28 -4.64 -27.94
C ARG A 149 -23.77 -4.91 -29.35
N SER A 150 -23.64 -3.84 -30.14
CA SER A 150 -23.28 -3.96 -31.55
C SER A 150 -21.78 -4.07 -31.79
N LEU A 151 -20.98 -3.89 -30.74
CA LEU A 151 -19.53 -4.05 -30.89
C LEU A 151 -19.23 -5.51 -31.16
N ARG A 152 -18.10 -5.78 -31.80
CA ARG A 152 -17.76 -7.15 -32.15
C ARG A 152 -17.36 -7.88 -30.88
N LYS A 153 -17.65 -9.17 -30.83
CA LYS A 153 -17.18 -9.99 -29.72
C LYS A 153 -15.65 -9.99 -29.78
N PRO A 154 -14.99 -10.11 -28.62
CA PRO A 154 -15.52 -10.36 -27.28
C PRO A 154 -15.87 -9.09 -26.50
N PHE A 155 -15.86 -7.95 -27.19
CA PHE A 155 -16.02 -6.67 -26.50
C PHE A 155 -17.47 -6.41 -26.09
N SER A 156 -18.41 -6.84 -26.91
CA SER A 156 -19.83 -6.70 -26.55
C SER A 156 -20.19 -7.67 -25.44
N ASP A 157 -19.49 -8.80 -25.40
CA ASP A 157 -19.79 -9.85 -24.42
C ASP A 157 -19.43 -9.44 -23.00
N ILE A 158 -18.40 -8.62 -22.86
CA ILE A 158 -17.90 -8.25 -21.55
C ILE A 158 -18.75 -7.13 -20.94
N ILE A 159 -19.63 -6.53 -21.74
CA ILE A 159 -20.41 -5.38 -21.31
C ILE A 159 -21.83 -5.74 -20.85
N GLU A 160 -22.53 -6.57 -21.61
CA GLU A 160 -23.95 -6.85 -21.32
C GLU A 160 -24.22 -7.42 -19.92
N PRO A 161 -23.36 -8.34 -19.43
CA PRO A 161 -23.60 -8.90 -18.09
C PRO A 161 -23.71 -7.84 -16.99
N LYS A 162 -23.03 -6.71 -17.16
CA LYS A 162 -23.07 -5.63 -16.18
C LYS A 162 -24.41 -4.90 -16.15
N PHE A 163 -25.00 -4.70 -17.33
CA PHE A 163 -26.32 -4.10 -17.44
C PHE A 163 -27.37 -4.98 -16.76
N GLU A 164 -27.27 -6.28 -16.99
CA GLU A 164 -28.19 -7.26 -16.40
C GLU A 164 -28.16 -7.18 -14.87
N PHE A 165 -26.97 -7.16 -14.31
CA PHE A 165 -26.83 -7.02 -12.86
C PHE A 165 -27.34 -5.66 -12.40
N ALA A 166 -26.99 -4.62 -13.15
CA ALA A 166 -27.27 -3.23 -12.79
C ALA A 166 -28.77 -2.95 -12.65
N VAL A 167 -29.56 -3.40 -13.62
CA VAL A 167 -31.00 -3.11 -13.61
C VAL A 167 -31.67 -3.81 -12.43
N LYS A 168 -31.26 -5.04 -12.16
CA LYS A 168 -31.76 -5.77 -11.01
C LYS A 168 -31.36 -5.08 -9.71
N PHE A 169 -30.13 -4.56 -9.68
CA PHE A 169 -29.60 -3.92 -8.48
C PHE A 169 -30.34 -2.62 -8.19
N ASN A 170 -30.60 -1.84 -9.23
CA ASN A 170 -31.30 -0.57 -9.07
C ASN A 170 -32.74 -0.74 -8.58
N ALA A 171 -33.28 -1.94 -8.75
CA ALA A 171 -34.61 -2.23 -8.26
C ALA A 171 -34.69 -2.17 -6.73
N LEU A 172 -33.55 -2.34 -6.07
CA LEU A 172 -33.49 -2.26 -4.61
C LEU A 172 -33.57 -0.81 -4.12
N GLU A 173 -33.35 0.14 -5.04
CA GLU A 173 -33.51 1.56 -4.75
C GLU A 173 -32.67 2.06 -3.58
N LEU A 174 -31.38 1.74 -3.60
CA LEU A 174 -30.46 2.27 -2.62
C LEU A 174 -30.14 3.73 -2.95
N ASP A 175 -29.87 4.53 -1.93
CA ASP A 175 -29.34 5.87 -2.13
C ASP A 175 -27.85 5.87 -1.82
N ASP A 176 -27.22 7.03 -1.93
CA ASP A 176 -25.78 7.13 -1.76
C ASP A 176 -25.32 6.69 -0.38
N SER A 177 -26.12 6.97 0.64
CA SER A 177 -25.73 6.64 2.00
C SER A 177 -25.66 5.12 2.21
N ASP A 178 -26.58 4.38 1.58
CA ASP A 178 -26.58 2.92 1.67
C ASP A 178 -25.38 2.34 0.92
N LEU A 179 -25.09 2.94 -0.22
CA LEU A 179 -24.02 2.46 -1.09
C LEU A 179 -22.65 2.65 -0.46
N ALA A 180 -22.48 3.73 0.30
CA ALA A 180 -21.21 3.99 0.97
C ALA A 180 -20.85 2.83 1.87
N LEU A 181 -21.84 2.33 2.60
CA LEU A 181 -21.64 1.20 3.51
C LEU A 181 -21.49 -0.10 2.73
N PHE A 182 -22.31 -0.25 1.70
CA PHE A 182 -22.25 -1.44 0.85
C PHE A 182 -20.88 -1.61 0.20
N ILE A 183 -20.33 -0.52 -0.33
CA ILE A 183 -19.03 -0.57 -0.97
C ILE A 183 -17.93 -0.83 0.05
N ALA A 184 -18.02 -0.17 1.20
CA ALA A 184 -17.05 -0.38 2.28
C ALA A 184 -17.00 -1.86 2.66
N ALA A 185 -18.17 -2.48 2.70
CA ALA A 185 -18.28 -3.89 3.06
C ALA A 185 -17.63 -4.80 2.02
N ILE A 186 -17.77 -4.42 0.75
CA ILE A 186 -17.13 -5.15 -0.35
C ILE A 186 -15.60 -5.11 -0.23
N ILE A 187 -15.06 -3.93 0.05
CA ILE A 187 -13.61 -3.75 0.13
C ILE A 187 -13.04 -4.45 1.36
N LEU A 188 -13.68 -4.21 2.51
CA LEU A 188 -13.23 -4.82 3.75
C LEU A 188 -13.82 -6.21 3.87
N CYS A 189 -13.24 -7.11 3.09
CA CYS A 189 -13.71 -8.50 2.99
C CYS A 189 -12.63 -9.44 3.49
N GLY A 190 -12.99 -10.29 4.44
CA GLY A 190 -12.02 -11.17 5.07
C GLY A 190 -11.71 -12.42 4.27
N ASP A 191 -12.39 -12.59 3.13
CA ASP A 191 -12.24 -13.80 2.31
C ASP A 191 -11.17 -13.69 1.23
N ARG A 192 -10.52 -12.54 1.11
CA ARG A 192 -9.60 -12.31 -0.02
C ARG A 192 -8.33 -13.15 0.10
N PRO A 193 -7.85 -13.73 -1.02
CA PRO A 193 -6.65 -14.57 -0.96
C PRO A 193 -5.39 -13.82 -0.55
N GLY A 194 -4.54 -14.47 0.25
CA GLY A 194 -3.25 -13.92 0.60
C GLY A 194 -3.30 -12.89 1.71
N LEU A 195 -4.48 -12.67 2.28
CA LEU A 195 -4.60 -11.74 3.39
C LEU A 195 -3.73 -12.17 4.55
N MET A 196 -3.10 -11.19 5.19
CA MET A 196 -2.19 -11.46 6.28
C MET A 196 -2.94 -11.53 7.62
N ASN A 197 -3.67 -10.46 7.94
CA ASN A 197 -4.41 -10.38 9.19
C ASN A 197 -5.91 -10.61 8.97
N VAL A 198 -6.30 -11.86 8.79
CA VAL A 198 -7.69 -12.20 8.47
C VAL A 198 -8.67 -11.84 9.60
N PRO A 199 -8.35 -12.20 10.85
CA PRO A 199 -9.29 -11.89 11.93
C PRO A 199 -9.57 -10.39 12.06
N ARG A 200 -8.56 -9.57 11.83
CA ARG A 200 -8.72 -8.12 11.93
C ARG A 200 -9.66 -7.60 10.83
N VAL A 201 -9.50 -8.11 9.61
CA VAL A 201 -10.35 -7.68 8.51
C VAL A 201 -11.77 -8.21 8.69
N GLU A 202 -11.89 -9.45 9.15
CA GLU A 202 -13.20 -10.03 9.43
C GLU A 202 -13.95 -9.18 10.45
N ALA A 203 -13.22 -8.69 11.45
CA ALA A 203 -13.82 -7.88 12.50
C ALA A 203 -14.34 -6.55 11.93
N ILE A 204 -13.54 -5.92 11.08
CA ILE A 204 -13.95 -4.66 10.46
C ILE A 204 -15.16 -4.91 9.56
N GLN A 205 -15.09 -5.98 8.77
CA GLN A 205 -16.18 -6.35 7.87
C GLN A 205 -17.48 -6.51 8.65
N ASP A 206 -17.38 -7.16 9.81
CA ASP A 206 -18.55 -7.42 10.64
C ASP A 206 -19.17 -6.13 11.15
N THR A 207 -18.31 -5.19 11.57
CA THR A 207 -18.79 -3.90 12.07
C THR A 207 -19.50 -3.12 10.97
N ILE A 208 -18.95 -3.15 9.75
CA ILE A 208 -19.56 -2.46 8.62
C ILE A 208 -20.94 -3.04 8.31
N LEU A 209 -21.05 -4.37 8.35
CA LEU A 209 -22.32 -5.03 8.07
C LEU A 209 -23.35 -4.74 9.16
N ARG A 210 -22.92 -4.62 10.42
CA ARG A 210 -23.84 -4.21 11.49
C ARG A 210 -24.30 -2.80 11.23
N ALA A 211 -23.37 -1.94 10.84
CA ALA A 211 -23.69 -0.55 10.53
C ALA A 211 -24.68 -0.48 9.37
N LEU A 212 -24.45 -1.32 8.36
CA LEU A 212 -25.32 -1.36 7.20
C LEU A 212 -26.75 -1.74 7.57
N GLU A 213 -26.92 -2.75 8.43
CA GLU A 213 -28.25 -3.17 8.84
C GLU A 213 -28.92 -2.08 9.67
N PHE A 214 -28.20 -1.57 10.67
CA PHE A 214 -28.65 -0.45 11.48
C PHE A 214 -29.15 0.69 10.59
N HIS A 215 -28.34 1.05 9.60
CA HIS A 215 -28.66 2.16 8.71
C HIS A 215 -29.87 1.90 7.83
N LEU A 216 -29.97 0.69 7.27
CA LEU A 216 -31.11 0.33 6.43
C LEU A 216 -32.42 0.27 7.22
N GLN A 217 -32.34 -0.10 8.49
CA GLN A 217 -33.53 -0.10 9.34
C GLN A 217 -34.07 1.33 9.45
N ALA A 218 -33.16 2.27 9.55
CA ALA A 218 -33.52 3.68 9.67
C ALA A 218 -33.94 4.28 8.33
N ASN A 219 -33.18 3.99 7.28
CA ASN A 219 -33.38 4.63 5.98
C ASN A 219 -34.49 4.00 5.14
N HIS A 220 -34.69 2.70 5.30
CA HIS A 220 -35.74 1.98 4.58
C HIS A 220 -36.59 1.15 5.54
N PRO A 221 -37.36 1.83 6.42
CA PRO A 221 -38.13 1.15 7.47
C PRO A 221 -39.23 0.21 6.93
N ASP A 222 -39.69 0.45 5.71
CA ASP A 222 -40.78 -0.32 5.14
C ASP A 222 -40.30 -1.36 4.12
N ALA A 223 -39.00 -1.39 3.87
CA ALA A 223 -38.42 -2.40 2.99
C ALA A 223 -38.32 -3.72 3.73
N GLN A 224 -38.59 -4.81 3.02
CA GLN A 224 -38.60 -6.14 3.61
C GLN A 224 -37.51 -7.04 3.02
N TYR A 225 -36.67 -7.59 3.89
CA TYR A 225 -35.59 -8.50 3.54
C TYR A 225 -34.46 -7.83 2.75
N LEU A 226 -34.34 -6.51 2.84
CA LEU A 226 -33.37 -5.77 2.04
C LEU A 226 -31.94 -6.11 2.42
N PHE A 227 -31.69 -6.29 3.72
CA PHE A 227 -30.33 -6.57 4.20
C PHE A 227 -29.85 -7.93 3.69
N PRO A 228 -30.62 -9.01 3.92
CA PRO A 228 -30.20 -10.29 3.32
C PRO A 228 -30.18 -10.24 1.80
N LYS A 229 -31.03 -9.42 1.18
CA LYS A 229 -31.00 -9.26 -0.27
C LYS A 229 -29.68 -8.66 -0.71
N LEU A 230 -29.16 -7.70 0.05
CA LEU A 230 -27.89 -7.08 -0.28
C LEU A 230 -26.72 -8.03 -0.03
N LEU A 231 -26.86 -8.90 0.97
CA LEU A 231 -25.82 -9.89 1.22
C LEU A 231 -25.73 -10.83 0.03
N GLN A 232 -26.88 -11.16 -0.56
CA GLN A 232 -26.92 -11.98 -1.76
C GLN A 232 -26.31 -11.25 -2.96
N LYS A 233 -26.46 -9.92 -3.00
CA LYS A 233 -25.87 -9.15 -4.09
C LYS A 233 -24.35 -9.18 -4.00
N MET A 234 -23.84 -9.21 -2.77
CA MET A 234 -22.40 -9.30 -2.57
C MET A 234 -21.88 -10.61 -3.14
N ALA A 235 -22.61 -11.70 -2.91
CA ALA A 235 -22.23 -12.99 -3.46
C ALA A 235 -22.33 -12.98 -4.97
N ASP A 236 -23.38 -12.33 -5.48
CA ASP A 236 -23.61 -12.23 -6.92
C ASP A 236 -22.45 -11.52 -7.62
N LEU A 237 -21.93 -10.47 -6.97
CA LEU A 237 -20.87 -9.67 -7.57
C LEU A 237 -19.57 -10.46 -7.69
N ARG A 238 -19.35 -11.42 -6.79
CA ARG A 238 -18.18 -12.28 -6.87
C ARG A 238 -18.23 -13.14 -8.12
N GLN A 239 -19.41 -13.68 -8.41
CA GLN A 239 -19.60 -14.50 -9.60
C GLN A 239 -19.45 -13.65 -10.86
N LEU A 240 -19.90 -12.40 -10.79
CA LEU A 240 -19.83 -11.48 -11.92
C LEU A 240 -18.38 -11.15 -12.26
N VAL A 241 -17.56 -10.96 -11.22
CA VAL A 241 -16.16 -10.58 -11.41
C VAL A 241 -15.33 -11.78 -11.89
N THR A 242 -15.67 -12.98 -11.41
CA THR A 242 -15.01 -14.20 -11.88
C THR A 242 -15.19 -14.33 -13.39
N GLU A 243 -16.42 -14.16 -13.84
CA GLU A 243 -16.74 -14.23 -15.25
C GLU A 243 -16.03 -13.11 -16.02
N HIS A 244 -15.97 -11.94 -15.41
CA HIS A 244 -15.30 -10.79 -16.01
C HIS A 244 -13.81 -11.05 -16.21
N ALA A 245 -13.17 -11.57 -15.17
CA ALA A 245 -11.75 -11.88 -15.23
C ALA A 245 -11.48 -12.93 -16.31
N GLN A 246 -12.39 -13.88 -16.48
CA GLN A 246 -12.25 -14.90 -17.51
C GLN A 246 -12.34 -14.29 -18.92
N MET A 247 -13.22 -13.30 -19.08
CA MET A 247 -13.37 -12.64 -20.36
C MET A 247 -12.16 -11.74 -20.65
N MET A 248 -11.56 -11.20 -19.59
CA MET A 248 -10.37 -10.38 -19.74
C MET A 248 -9.17 -11.23 -20.13
N GLN A 249 -9.09 -12.44 -19.60
CA GLN A 249 -8.01 -13.35 -19.97
C GLN A 249 -8.15 -13.76 -21.43
N ARG A 250 -9.39 -13.94 -21.87
CA ARG A 250 -9.67 -14.28 -23.27
C ARG A 250 -9.20 -13.16 -24.19
N ILE A 251 -9.50 -11.91 -23.82
CA ILE A 251 -9.07 -10.76 -24.60
C ILE A 251 -7.55 -10.68 -24.65
N LYS A 252 -6.91 -10.87 -23.50
CA LYS A 252 -5.46 -10.86 -23.41
C LYS A 252 -4.83 -11.83 -24.41
N LYS A 253 -5.50 -12.97 -24.63
CA LYS A 253 -4.92 -14.04 -25.43
C LYS A 253 -5.30 -13.99 -26.91
N THR A 254 -6.51 -13.51 -27.22
CA THR A 254 -6.99 -13.52 -28.60
C THR A 254 -6.97 -12.14 -29.26
N GLU A 255 -6.81 -11.09 -28.45
CA GLU A 255 -6.74 -9.71 -28.98
C GLU A 255 -5.39 -9.08 -28.68
N THR A 256 -4.34 -9.61 -29.29
CA THR A 256 -2.96 -9.23 -28.98
C THR A 256 -2.66 -7.76 -29.28
N GLU A 257 -3.39 -7.18 -30.21
CA GLU A 257 -3.18 -5.78 -30.60
C GLU A 257 -3.77 -4.81 -29.58
N THR A 258 -4.62 -5.31 -28.69
CA THR A 258 -5.32 -4.47 -27.72
C THR A 258 -4.46 -4.28 -26.46
N SER A 259 -4.19 -3.02 -26.12
CA SER A 259 -3.40 -2.70 -24.95
C SER A 259 -4.18 -2.91 -23.66
N LEU A 260 -3.49 -3.43 -22.65
CA LEU A 260 -4.05 -3.63 -21.32
C LEU A 260 -3.28 -2.74 -20.34
N HIS A 261 -4.01 -1.89 -19.61
CA HIS A 261 -3.39 -0.99 -18.65
C HIS A 261 -2.61 -1.80 -17.60
N PRO A 262 -1.38 -1.36 -17.27
CA PRO A 262 -0.52 -2.16 -16.38
C PRO A 262 -1.14 -2.42 -14.99
N LEU A 263 -1.79 -1.42 -14.40
CA LEU A 263 -2.46 -1.62 -13.12
C LEU A 263 -3.49 -2.73 -13.19
N LEU A 264 -4.32 -2.71 -14.23
CA LEU A 264 -5.32 -3.75 -14.40
C LEU A 264 -4.64 -5.09 -14.60
N GLN A 265 -3.53 -5.09 -15.32
CA GLN A 265 -2.78 -6.31 -15.55
C GLN A 265 -2.25 -6.87 -14.23
N GLU A 266 -1.83 -5.99 -13.33
CA GLU A 266 -1.37 -6.42 -12.01
C GLU A 266 -2.53 -7.05 -11.22
N ILE A 267 -3.75 -6.56 -11.46
CA ILE A 267 -4.93 -7.09 -10.78
C ILE A 267 -5.31 -8.48 -11.27
N TYR A 268 -5.05 -8.77 -12.55
CA TYR A 268 -5.61 -9.97 -13.20
C TYR A 268 -4.70 -11.19 -13.24
N LYS A 269 -3.41 -11.06 -12.97
CA LYS A 269 -2.50 -12.19 -13.18
C LYS A 269 -2.75 -13.35 -12.22
N ASP A 270 -3.29 -13.05 -11.04
CA ASP A 270 -3.69 -14.09 -10.10
C ASP A 270 -5.20 -14.07 -9.86
N MET A 271 -5.94 -14.42 -10.91
CA MET A 271 -7.38 -14.61 -10.83
C MET A 271 -7.78 -15.74 -11.78
N TYR A 272 -8.75 -16.56 -11.36
CA TYR A 272 -9.25 -17.63 -12.19
C TYR A 272 -10.72 -17.92 -11.90
N ALA B 4 19.37 25.00 -5.71
CA ALA B 4 18.16 25.16 -6.51
C ALA B 4 16.92 24.76 -5.69
N ASP B 5 15.95 24.11 -6.34
CA ASP B 5 14.71 23.74 -5.68
C ASP B 5 14.90 22.51 -4.79
N LEU B 6 16.02 21.82 -4.99
CA LEU B 6 16.35 20.62 -4.23
C LEU B 6 16.50 20.93 -2.75
N LYS B 7 16.63 22.20 -2.41
CA LYS B 7 16.77 22.62 -1.02
C LYS B 7 15.45 22.46 -0.27
N ALA B 8 14.38 23.00 -0.84
CA ALA B 8 13.05 22.90 -0.25
C ALA B 8 12.61 21.43 -0.21
N PHE B 9 12.92 20.71 -1.29
CA PHE B 9 12.61 19.29 -1.39
C PHE B 9 13.26 18.54 -0.24
N SER B 10 14.53 18.79 0.00
CA SER B 10 15.27 18.16 1.10
C SER B 10 14.66 18.46 2.46
N LYS B 11 14.27 19.71 2.68
CA LYS B 11 13.71 20.12 3.97
C LYS B 11 12.44 19.34 4.28
N HIS B 12 11.63 19.09 3.24
CA HIS B 12 10.40 18.35 3.42
C HIS B 12 10.70 16.89 3.75
N ILE B 13 11.77 16.34 3.17
CA ILE B 13 12.20 14.99 3.46
C ILE B 13 12.63 14.90 4.92
N TYR B 14 13.43 15.87 5.34
CA TYR B 14 13.94 15.93 6.71
C TYR B 14 12.80 16.03 7.71
N ASN B 15 11.75 16.76 7.35
CA ASN B 15 10.62 16.94 8.24
C ASN B 15 9.80 15.65 8.34
N ALA B 16 9.71 14.91 7.24
CA ALA B 16 9.06 13.59 7.23
C ALA B 16 9.83 12.61 8.10
N TYR B 17 11.15 12.75 8.08
CA TYR B 17 12.05 11.97 8.92
C TYR B 17 11.81 12.31 10.40
N LEU B 18 11.84 13.59 10.72
CA LEU B 18 11.70 14.04 12.11
C LEU B 18 10.30 13.76 12.67
N LYS B 19 9.32 13.69 11.78
CA LYS B 19 7.94 13.46 12.17
C LYS B 19 7.65 12.00 12.53
N ASN B 20 8.39 11.07 11.94
CA ASN B 20 8.00 9.66 11.95
C ASN B 20 8.91 8.67 12.66
N PHE B 21 10.19 9.00 12.86
CA PHE B 21 11.11 8.06 13.51
C PHE B 21 11.23 8.29 15.01
N ASN B 22 11.27 7.17 15.75
CA ASN B 22 11.28 7.18 17.21
C ASN B 22 12.50 7.86 17.80
N MET B 23 13.67 7.53 17.27
CA MET B 23 14.90 8.13 17.75
C MET B 23 15.77 8.65 16.60
N THR B 24 16.25 9.87 16.78
CA THR B 24 17.18 10.48 15.85
C THR B 24 18.58 9.97 16.14
N LYS B 25 19.50 10.14 15.18
CA LYS B 25 20.89 9.84 15.44
C LYS B 25 21.43 10.82 16.48
N LYS B 26 20.96 12.06 16.44
CA LYS B 26 21.41 13.07 17.39
C LYS B 26 21.08 12.64 18.82
N LYS B 27 19.87 12.14 19.05
CA LYS B 27 19.50 11.68 20.39
C LYS B 27 20.30 10.43 20.74
N ALA B 28 20.44 9.52 19.79
CA ALA B 28 21.14 8.27 20.03
C ALA B 28 22.58 8.50 20.45
N ARG B 29 23.26 9.44 19.79
CA ARG B 29 24.67 9.72 20.09
C ARG B 29 24.85 10.36 21.46
N SER B 30 23.89 11.21 21.85
CA SER B 30 23.93 11.84 23.18
C SER B 30 23.94 10.80 24.28
N ILE B 31 23.11 9.77 24.10
CA ILE B 31 23.01 8.68 25.07
C ILE B 31 24.29 7.85 25.07
N LEU B 32 24.73 7.45 23.88
CA LEU B 32 25.90 6.58 23.74
C LEU B 32 27.18 7.21 24.29
N THR B 33 27.30 8.53 24.20
CA THR B 33 28.50 9.21 24.68
C THR B 33 28.40 9.55 26.17
N GLY B 34 27.21 9.96 26.61
CA GLY B 34 26.96 10.24 28.01
C GLY B 34 26.35 11.61 28.26
N LYS B 35 26.14 12.37 27.18
CA LYS B 35 25.59 13.71 27.28
C LYS B 35 24.07 13.67 27.34
N HIS B 38 20.30 12.77 33.34
CA HIS B 38 21.12 12.08 34.34
C HIS B 38 20.61 10.67 34.59
N THR B 39 20.42 9.93 33.49
CA THR B 39 20.15 8.51 33.55
C THR B 39 20.93 7.83 32.43
N ALA B 40 21.66 6.77 32.79
CA ALA B 40 22.50 6.04 31.85
C ALA B 40 21.78 4.77 31.44
N PRO B 41 22.06 4.27 30.22
CA PRO B 41 21.40 3.04 29.80
C PRO B 41 21.85 1.86 30.67
N PHE B 42 20.90 1.00 31.02
CA PHE B 42 21.20 -0.23 31.74
C PHE B 42 21.91 -1.20 30.79
N VAL B 43 23.06 -1.71 31.21
CA VAL B 43 23.89 -2.54 30.35
C VAL B 43 23.51 -4.01 30.44
N ILE B 44 23.14 -4.57 29.30
CA ILE B 44 22.83 -5.99 29.16
C ILE B 44 24.02 -6.72 28.55
N HIS B 45 24.65 -7.59 29.33
CA HIS B 45 25.87 -8.27 28.88
C HIS B 45 25.90 -9.75 29.23
N ASP B 46 24.85 -10.23 29.90
CA ASP B 46 24.73 -11.67 30.19
C ASP B 46 23.28 -12.03 30.51
N ILE B 47 23.05 -13.26 30.94
CA ILE B 47 21.70 -13.75 31.18
C ILE B 47 21.04 -13.00 32.33
N GLU B 48 21.77 -12.75 33.40
CA GLU B 48 21.18 -12.09 34.56
C GLU B 48 20.73 -10.68 34.24
N THR B 49 21.57 -9.92 33.54
CA THR B 49 21.23 -8.54 33.22
C THR B 49 20.12 -8.50 32.16
N LEU B 50 20.07 -9.55 31.34
CA LEU B 50 18.98 -9.69 30.37
C LEU B 50 17.66 -9.83 31.11
N TRP B 51 17.65 -10.71 32.11
CA TRP B 51 16.46 -10.94 32.91
C TRP B 51 16.08 -9.69 33.69
N GLN B 52 17.08 -9.03 34.28
CA GLN B 52 16.84 -7.80 35.03
C GLN B 52 16.25 -6.71 34.12
N ALA B 53 16.70 -6.69 32.88
CA ALA B 53 16.23 -5.70 31.91
C ALA B 53 14.77 -5.95 31.53
N GLU B 54 14.39 -7.21 31.40
CA GLU B 54 12.99 -7.55 31.12
C GLU B 54 12.09 -7.23 32.31
N LYS B 55 12.62 -7.33 33.52
CA LYS B 55 11.85 -7.00 34.72
C LYS B 55 11.84 -5.50 35.00
N GLY B 56 12.89 -4.81 34.57
CA GLY B 56 13.11 -3.43 34.97
C GLY B 56 12.87 -2.37 33.92
N LEU B 57 13.11 -2.70 32.65
CA LEU B 57 13.00 -1.71 31.57
C LEU B 57 11.63 -1.70 30.93
N VAL B 58 11.32 -0.58 30.28
CA VAL B 58 10.06 -0.40 29.56
C VAL B 58 10.27 -0.67 28.09
N TRP B 59 9.62 -1.75 27.60
CA TRP B 59 9.75 -2.17 26.21
C TRP B 59 8.50 -1.79 25.43
N LYS B 60 8.68 -1.37 24.17
CA LYS B 60 7.56 -1.08 23.29
C LYS B 60 6.63 -2.27 23.23
N GLN B 61 7.20 -3.43 22.90
CA GLN B 61 6.46 -4.69 22.88
C GLN B 61 6.53 -5.36 24.25
N LEU B 62 5.38 -5.45 24.92
CA LEU B 62 5.32 -6.06 26.24
C LEU B 62 5.71 -7.52 26.18
N VAL B 63 6.46 -7.97 27.17
CA VAL B 63 7.11 -9.27 27.13
C VAL B 63 6.12 -10.41 26.94
N ASN B 64 4.97 -10.34 27.62
CA ASN B 64 3.97 -11.39 27.54
C ASN B 64 3.29 -11.43 26.17
N GLY B 65 3.54 -10.41 25.37
CA GLY B 65 2.98 -10.34 24.02
C GLY B 65 3.80 -11.10 23.00
N LEU B 66 5.06 -11.36 23.32
CA LEU B 66 5.93 -12.15 22.46
C LEU B 66 5.43 -13.59 22.38
N PRO B 67 5.92 -14.36 21.38
CA PRO B 67 5.55 -15.78 21.33
C PRO B 67 6.06 -16.52 22.56
N PRO B 68 5.60 -17.77 22.75
CA PRO B 68 6.00 -18.56 23.91
C PRO B 68 7.52 -18.65 24.04
N TYR B 69 8.03 -18.48 25.26
CA TYR B 69 9.47 -18.53 25.49
C TYR B 69 10.03 -19.88 25.05
N LYS B 70 11.20 -19.85 24.41
CA LYS B 70 11.87 -21.08 23.97
C LYS B 70 13.25 -21.18 24.62
N GLU B 71 14.05 -20.14 24.45
CA GLU B 71 15.41 -20.09 24.99
C GLU B 71 15.98 -18.68 24.81
N ILE B 72 17.10 -18.40 25.47
CA ILE B 72 17.68 -17.06 25.45
C ILE B 72 17.98 -16.56 24.04
N SER B 73 18.60 -17.40 23.22
CA SER B 73 19.01 -16.98 21.88
C SER B 73 17.80 -16.63 21.03
N VAL B 74 16.72 -17.39 21.22
CA VAL B 74 15.50 -17.18 20.47
C VAL B 74 14.75 -15.95 20.99
N HIS B 75 14.74 -15.78 22.31
CA HIS B 75 14.11 -14.62 22.91
C HIS B 75 14.69 -13.32 22.34
N VAL B 76 16.01 -13.26 22.25
CA VAL B 76 16.70 -12.11 21.69
C VAL B 76 16.27 -11.91 20.24
N PHE B 77 16.17 -13.02 19.51
CA PHE B 77 15.72 -13.01 18.13
C PHE B 77 14.31 -12.43 18.01
N TYR B 78 13.43 -12.78 18.95
CA TYR B 78 12.07 -12.24 18.97
C TYR B 78 12.11 -10.73 19.24
N ARG B 79 12.97 -10.29 20.14
CA ARG B 79 13.12 -8.85 20.39
C ARG B 79 13.68 -8.13 19.17
N CYS B 80 14.54 -8.81 18.40
CA CYS B 80 15.04 -8.24 17.14
C CYS B 80 13.92 -8.07 16.13
N GLN B 81 13.03 -9.06 16.05
CA GLN B 81 11.90 -9.01 15.15
C GLN B 81 10.95 -7.89 15.52
N CYS B 82 10.73 -7.72 16.82
CA CYS B 82 9.90 -6.63 17.33
C CYS B 82 10.30 -5.30 16.75
N THR B 83 11.60 -5.00 16.87
CA THR B 83 12.11 -3.71 16.48
C THR B 83 12.11 -3.57 14.96
N THR B 84 12.36 -4.68 14.27
CA THR B 84 12.35 -4.65 12.81
C THR B 84 10.96 -4.28 12.28
N VAL B 85 9.93 -4.97 12.79
CA VAL B 85 8.56 -4.70 12.37
C VAL B 85 8.14 -3.28 12.73
N GLU B 86 8.51 -2.84 13.93
CA GLU B 86 8.19 -1.49 14.36
C GLU B 86 8.90 -0.48 13.47
N THR B 87 10.11 -0.80 13.03
CA THR B 87 10.85 0.10 12.17
C THR B 87 10.24 0.10 10.76
N VAL B 88 9.73 -1.05 10.32
CA VAL B 88 9.00 -1.10 9.05
C VAL B 88 7.79 -0.16 9.10
N ARG B 89 7.11 -0.11 10.24
CA ARG B 89 5.96 0.79 10.42
C ARG B 89 6.35 2.24 10.25
N GLU B 90 7.44 2.64 10.88
CA GLU B 90 7.93 4.01 10.80
C GLU B 90 8.41 4.37 9.41
N LEU B 91 9.08 3.43 8.76
CA LEU B 91 9.55 3.63 7.39
C LEU B 91 8.36 3.81 6.45
N THR B 92 7.30 3.04 6.69
CA THR B 92 6.08 3.16 5.91
C THR B 92 5.47 4.55 6.06
N GLU B 93 5.42 5.06 7.29
CA GLU B 93 4.85 6.38 7.51
C GLU B 93 5.78 7.47 6.99
N PHE B 94 7.09 7.24 7.10
CA PHE B 94 8.07 8.16 6.56
C PHE B 94 7.90 8.29 5.05
N ALA B 95 7.78 7.16 4.36
CA ALA B 95 7.62 7.16 2.91
C ALA B 95 6.31 7.86 2.52
N LYS B 96 5.23 7.57 3.25
CA LYS B 96 3.95 8.20 2.97
C LYS B 96 3.99 9.71 3.13
N SER B 97 4.90 10.20 3.96
CA SER B 97 5.02 11.64 4.21
C SER B 97 5.83 12.32 3.10
N ILE B 98 6.19 11.54 2.08
CA ILE B 98 6.84 12.06 0.89
C ILE B 98 5.83 12.06 -0.26
N PRO B 99 5.37 13.25 -0.69
CA PRO B 99 4.28 13.34 -1.69
C PRO B 99 4.50 12.48 -2.94
N SER B 100 5.72 12.44 -3.47
CA SER B 100 5.99 11.69 -4.69
C SER B 100 5.86 10.19 -4.46
N PHE B 101 6.13 9.73 -3.24
CA PHE B 101 5.91 8.33 -2.90
C PHE B 101 4.41 8.07 -2.77
N SER B 102 3.72 8.95 -2.06
CA SER B 102 2.28 8.83 -1.86
C SER B 102 1.50 8.86 -3.18
N SER B 103 2.04 9.56 -4.17
N SER B 103 2.05 9.56 -4.17
CA SER B 103 1.37 9.71 -5.46
CA SER B 103 1.39 9.70 -5.46
C SER B 103 1.55 8.47 -6.36
C SER B 103 1.45 8.41 -6.27
N LEU B 104 2.38 7.53 -5.91
CA LEU B 104 2.50 6.25 -6.60
C LEU B 104 1.29 5.38 -6.31
N PHE B 105 0.97 4.49 -7.24
CA PHE B 105 -0.10 3.52 -6.98
C PHE B 105 0.29 2.65 -5.81
N LEU B 106 -0.70 2.26 -5.01
CA LEU B 106 -0.45 1.62 -3.73
C LEU B 106 0.36 0.33 -3.89
N ASN B 107 0.15 -0.39 -4.99
CA ASN B 107 0.89 -1.64 -5.20
C ASN B 107 2.38 -1.38 -5.41
N ASP B 108 2.71 -0.26 -6.04
CA ASP B 108 4.11 0.14 -6.19
C ASP B 108 4.72 0.57 -4.86
N GLN B 109 3.92 1.21 -4.02
CA GLN B 109 4.37 1.61 -2.69
C GLN B 109 4.79 0.38 -1.90
N VAL B 110 3.98 -0.68 -1.97
CA VAL B 110 4.28 -1.91 -1.25
C VAL B 110 5.53 -2.58 -1.82
N THR B 111 5.66 -2.57 -3.15
CA THR B 111 6.83 -3.17 -3.80
C THR B 111 8.10 -2.50 -3.28
N LEU B 112 8.10 -1.17 -3.22
CA LEU B 112 9.27 -0.44 -2.77
C LEU B 112 9.60 -0.72 -1.30
N LEU B 113 8.57 -0.76 -0.47
CA LEU B 113 8.80 -1.02 0.95
C LEU B 113 9.27 -2.46 1.12
N LYS B 114 8.61 -3.39 0.44
CA LYS B 114 8.97 -4.80 0.54
C LYS B 114 10.47 -5.02 0.31
N TYR B 115 11.00 -4.40 -0.73
CA TYR B 115 12.38 -4.66 -1.15
C TYR B 115 13.34 -3.61 -0.62
N GLY B 116 12.82 -2.57 0.01
CA GLY B 116 13.63 -1.46 0.48
C GLY B 116 13.86 -1.37 1.97
N VAL B 117 12.93 -1.88 2.78
CA VAL B 117 12.96 -1.58 4.21
C VAL B 117 14.16 -2.13 4.95
N HIS B 118 14.62 -3.33 4.60
CA HIS B 118 15.74 -3.94 5.32
C HIS B 118 17.04 -3.20 5.04
N GLU B 119 17.21 -2.71 3.81
CA GLU B 119 18.38 -1.88 3.50
C GLU B 119 18.35 -0.62 4.35
N ALA B 120 17.16 -0.01 4.45
CA ALA B 120 16.99 1.21 5.22
C ALA B 120 17.19 0.96 6.72
N ILE B 121 16.71 -0.19 7.19
CA ILE B 121 16.85 -0.56 8.59
C ILE B 121 18.32 -0.68 8.98
N PHE B 122 19.08 -1.42 8.17
CA PHE B 122 20.47 -1.67 8.50
C PHE B 122 21.31 -0.41 8.35
N ALA B 123 20.81 0.54 7.56
CA ALA B 123 21.46 1.84 7.46
C ALA B 123 21.16 2.68 8.71
N MET B 124 19.90 2.73 9.12
N MET B 124 19.89 2.73 9.11
CA MET B 124 19.51 3.52 10.28
CA MET B 124 19.49 3.51 10.27
C MET B 124 19.98 2.90 11.58
C MET B 124 20.02 2.90 11.57
N LEU B 125 20.18 1.58 11.56
CA LEU B 125 20.70 0.86 12.71
C LEU B 125 22.04 1.43 13.20
N ALA B 126 22.88 1.87 12.27
CA ALA B 126 24.19 2.40 12.62
C ALA B 126 24.09 3.60 13.58
N SER B 127 22.96 4.31 13.53
CA SER B 127 22.75 5.46 14.41
C SER B 127 22.70 5.11 15.90
N ILE B 128 22.30 3.87 16.24
CA ILE B 128 22.23 3.46 17.65
C ILE B 128 23.34 2.48 18.02
N VAL B 129 24.33 2.33 17.14
CA VAL B 129 25.43 1.38 17.33
C VAL B 129 26.76 2.08 17.59
N ASN B 130 27.58 1.50 18.47
CA ASN B 130 29.00 1.79 18.46
C ASN B 130 29.74 0.45 18.46
N LYS B 131 31.06 0.48 18.50
CA LYS B 131 31.83 -0.74 18.35
C LYS B 131 31.58 -1.73 19.48
N ASP B 132 31.02 -1.25 20.59
CA ASP B 132 30.86 -2.05 21.81
C ASP B 132 29.45 -2.62 21.98
N GLY B 133 28.48 -2.10 21.24
CA GLY B 133 27.13 -2.60 21.32
C GLY B 133 26.11 -1.66 20.72
N LEU B 134 24.85 -1.80 21.11
CA LEU B 134 23.81 -0.92 20.61
C LEU B 134 22.69 -0.69 21.64
N LEU B 135 21.94 0.38 21.43
CA LEU B 135 20.87 0.80 22.33
C LEU B 135 19.59 -0.01 22.10
N VAL B 136 18.88 -0.29 23.18
CA VAL B 136 17.58 -0.96 23.11
C VAL B 136 16.59 -0.26 24.02
N ALA B 137 15.32 -0.65 23.90
CA ALA B 137 14.26 -0.12 24.75
C ALA B 137 14.26 1.40 24.76
N ASN B 138 14.23 1.99 23.57
CA ASN B 138 14.12 3.43 23.43
C ASN B 138 15.26 4.18 24.13
N GLY B 139 16.43 3.57 24.18
CA GLY B 139 17.60 4.19 24.77
C GLY B 139 17.78 3.89 26.25
N SER B 140 16.86 3.10 26.81
CA SER B 140 16.90 2.75 28.23
C SER B 140 17.92 1.66 28.54
N GLY B 141 18.31 0.91 27.52
CA GLY B 141 19.26 -0.17 27.69
C GLY B 141 20.33 -0.17 26.62
N PHE B 142 21.37 -0.95 26.88
CA PHE B 142 22.50 -1.06 25.97
C PHE B 142 23.00 -2.51 26.00
N VAL B 143 22.84 -3.20 24.87
CA VAL B 143 23.26 -4.59 24.76
C VAL B 143 24.67 -4.65 24.18
N THR B 144 25.56 -5.36 24.85
CA THR B 144 26.94 -5.44 24.40
C THR B 144 27.06 -6.33 23.17
N ARG B 145 27.98 -5.94 22.28
CA ARG B 145 28.31 -6.72 21.10
C ARG B 145 28.81 -8.10 21.52
N GLU B 146 29.57 -8.16 22.61
CA GLU B 146 30.15 -9.41 23.09
C GLU B 146 29.07 -10.40 23.52
N PHE B 147 28.05 -9.91 24.21
CA PHE B 147 26.93 -10.76 24.59
C PHE B 147 26.21 -11.31 23.36
N LEU B 148 25.96 -10.47 22.37
CA LEU B 148 25.27 -10.92 21.17
C LEU B 148 26.11 -11.96 20.43
N ARG B 149 27.43 -11.80 20.45
CA ARG B 149 28.34 -12.79 19.88
C ARG B 149 28.26 -14.13 20.61
N SER B 150 27.80 -14.11 21.85
CA SER B 150 27.80 -15.31 22.68
C SER B 150 26.55 -16.15 22.45
N LEU B 151 25.56 -15.60 21.74
CA LEU B 151 24.38 -16.36 21.41
C LEU B 151 24.78 -17.50 20.48
N ARG B 152 23.99 -18.57 20.45
CA ARG B 152 24.36 -19.72 19.65
C ARG B 152 24.08 -19.41 18.19
N LYS B 153 24.83 -20.06 17.29
CA LYS B 153 24.50 -20.02 15.89
C LYS B 153 23.09 -20.57 15.73
N PRO B 154 22.32 -20.06 14.76
CA PRO B 154 22.62 -19.06 13.72
C PRO B 154 22.38 -17.62 14.16
N PHE B 155 22.05 -17.40 15.42
CA PHE B 155 21.57 -16.10 15.86
C PHE B 155 22.69 -15.09 16.07
N SER B 156 23.86 -15.56 16.48
CA SER B 156 25.02 -14.67 16.59
C SER B 156 25.50 -14.26 15.19
N ASP B 157 25.47 -15.22 14.26
CA ASP B 157 25.94 -14.97 12.89
C ASP B 157 25.13 -13.93 12.13
N ILE B 158 23.83 -13.85 12.40
CA ILE B 158 22.98 -12.92 11.66
C ILE B 158 23.16 -11.50 12.19
N ILE B 159 23.76 -11.38 13.38
CA ILE B 159 23.88 -10.08 14.04
C ILE B 159 25.19 -9.37 13.74
N GLU B 160 26.30 -10.10 13.82
CA GLU B 160 27.63 -9.50 13.74
C GLU B 160 27.91 -8.69 12.45
N PRO B 161 27.42 -9.15 11.29
CA PRO B 161 27.68 -8.43 10.04
C PRO B 161 27.14 -7.00 10.04
N LYS B 162 26.06 -6.76 10.78
CA LYS B 162 25.45 -5.43 10.86
C LYS B 162 26.31 -4.48 11.67
N PHE B 163 26.99 -5.00 12.68
CA PHE B 163 27.96 -4.23 13.43
C PHE B 163 29.13 -3.82 12.55
N GLU B 164 29.63 -4.75 11.75
CA GLU B 164 30.75 -4.48 10.86
C GLU B 164 30.41 -3.35 9.89
N PHE B 165 29.19 -3.41 9.35
CA PHE B 165 28.73 -2.37 8.44
C PHE B 165 28.57 -1.04 9.16
N ALA B 166 27.95 -1.09 10.33
CA ALA B 166 27.58 0.10 11.07
C ALA B 166 28.78 0.96 11.45
N VAL B 167 29.84 0.33 11.97
CA VAL B 167 31.01 1.05 12.42
C VAL B 167 31.68 1.79 11.27
N LYS B 168 31.79 1.12 10.12
CA LYS B 168 32.36 1.75 8.94
C LYS B 168 31.46 2.89 8.46
N PHE B 169 30.15 2.67 8.54
CA PHE B 169 29.18 3.68 8.08
C PHE B 169 29.23 4.92 8.96
N ASN B 170 29.37 4.72 10.27
CA ASN B 170 29.39 5.84 11.21
C ASN B 170 30.65 6.69 11.06
N ALA B 171 31.67 6.14 10.42
CA ALA B 171 32.90 6.89 10.19
C ALA B 171 32.68 7.98 9.13
N LEU B 172 31.56 7.94 8.43
CA LEU B 172 31.21 8.97 7.45
C LEU B 172 30.61 10.20 8.12
N GLU B 173 30.18 10.03 9.37
CA GLU B 173 29.69 11.13 10.20
C GLU B 173 28.48 11.84 9.61
N LEU B 174 27.54 11.08 9.06
CA LEU B 174 26.27 11.65 8.62
C LEU B 174 25.46 12.12 9.82
N ASP B 175 24.72 13.20 9.64
CA ASP B 175 23.73 13.63 10.62
C ASP B 175 22.34 13.27 10.10
N ASP B 176 21.32 13.62 10.87
CA ASP B 176 19.96 13.21 10.55
C ASP B 176 19.44 13.78 9.23
N SER B 177 19.89 14.98 8.86
CA SER B 177 19.45 15.60 7.63
C SER B 177 20.02 14.85 6.43
N ASP B 178 21.25 14.36 6.56
CA ASP B 178 21.86 13.51 5.52
C ASP B 178 21.10 12.20 5.40
N LEU B 179 20.88 11.56 6.55
CA LEU B 179 20.26 10.25 6.59
C LEU B 179 18.86 10.26 6.00
N ALA B 180 18.10 11.32 6.23
CA ALA B 180 16.74 11.40 5.72
C ALA B 180 16.73 11.27 4.19
N LEU B 181 17.67 11.94 3.54
CA LEU B 181 17.81 11.86 2.09
C LEU B 181 18.33 10.49 1.66
N PHE B 182 19.30 9.97 2.41
CA PHE B 182 19.90 8.68 2.13
C PHE B 182 18.87 7.56 2.16
N ILE B 183 18.05 7.55 3.21
CA ILE B 183 17.00 6.54 3.38
C ILE B 183 15.93 6.70 2.30
N ALA B 184 15.58 7.94 1.99
CA ALA B 184 14.59 8.21 0.94
C ALA B 184 15.05 7.61 -0.39
N ALA B 185 16.35 7.73 -0.66
CA ALA B 185 16.94 7.20 -1.88
C ALA B 185 16.93 5.67 -1.92
N ILE B 186 17.07 5.04 -0.75
CA ILE B 186 17.01 3.59 -0.65
C ILE B 186 15.58 3.10 -0.92
N ILE B 187 14.58 3.78 -0.37
CA ILE B 187 13.19 3.36 -0.55
C ILE B 187 12.73 3.63 -1.99
N LEU B 188 12.95 4.83 -2.48
CA LEU B 188 12.53 5.20 -3.83
C LEU B 188 13.56 4.75 -4.85
N CYS B 189 13.59 3.44 -5.09
CA CYS B 189 14.60 2.80 -5.92
C CYS B 189 13.96 2.10 -7.11
N GLY B 190 14.41 2.40 -8.31
CA GLY B 190 13.78 1.91 -9.52
C GLY B 190 14.17 0.51 -9.94
N ASP B 191 15.11 -0.10 -9.20
CA ASP B 191 15.61 -1.43 -9.53
C ASP B 191 14.76 -2.56 -8.97
N ARG B 192 13.85 -2.24 -8.04
CA ARG B 192 13.14 -3.27 -7.30
C ARG B 192 12.30 -4.17 -8.21
N PRO B 193 12.27 -5.48 -7.93
CA PRO B 193 11.51 -6.40 -8.79
C PRO B 193 10.01 -6.14 -8.76
N GLY B 194 9.37 -6.26 -9.92
CA GLY B 194 7.92 -6.20 -10.00
C GLY B 194 7.34 -4.79 -9.99
N LEU B 195 8.21 -3.78 -9.99
CA LEU B 195 7.75 -2.39 -10.08
C LEU B 195 6.93 -2.16 -11.34
N MET B 196 5.86 -1.39 -11.19
CA MET B 196 4.95 -1.15 -12.29
C MET B 196 5.36 0.09 -13.10
N ASN B 197 5.55 1.20 -12.40
CA ASN B 197 5.92 2.46 -13.05
C ASN B 197 7.40 2.74 -12.81
N VAL B 198 8.26 2.05 -13.55
CA VAL B 198 9.70 2.13 -13.31
C VAL B 198 10.26 3.52 -13.64
N PRO B 199 9.89 4.09 -14.80
CA PRO B 199 10.40 5.43 -15.14
C PRO B 199 10.05 6.49 -14.09
N ARG B 200 8.85 6.42 -13.53
CA ARG B 200 8.42 7.39 -12.52
C ARG B 200 9.28 7.28 -11.26
N VAL B 201 9.51 6.05 -10.81
CA VAL B 201 10.32 5.82 -9.62
C VAL B 201 11.78 6.23 -9.86
N GLU B 202 12.31 5.88 -11.03
CA GLU B 202 13.67 6.26 -11.39
C GLU B 202 13.86 7.77 -11.33
N ALA B 203 12.87 8.49 -11.87
CA ALA B 203 12.92 9.95 -11.89
C ALA B 203 12.97 10.52 -10.47
N ILE B 204 12.14 9.97 -9.59
CA ILE B 204 12.11 10.39 -8.20
C ILE B 204 13.44 10.09 -7.52
N GLN B 205 13.97 8.90 -7.76
CA GLN B 205 15.26 8.50 -7.18
C GLN B 205 16.34 9.47 -7.59
N ASP B 206 16.38 9.75 -8.89
CA ASP B 206 17.38 10.66 -9.45
C ASP B 206 17.32 12.03 -8.76
N THR B 207 16.10 12.54 -8.61
CA THR B 207 15.89 13.82 -7.93
C THR B 207 16.42 13.80 -6.50
N ILE B 208 16.15 12.70 -5.80
CA ILE B 208 16.59 12.55 -4.42
C ILE B 208 18.10 12.55 -4.33
N LEU B 209 18.74 11.83 -5.25
CA LEU B 209 20.19 11.75 -5.29
C LEU B 209 20.81 13.11 -5.63
N ARG B 210 20.13 13.88 -6.47
CA ARG B 210 20.59 15.24 -6.78
C ARG B 210 20.49 16.12 -5.55
N ALA B 211 19.38 15.99 -4.83
CA ALA B 211 19.18 16.74 -3.60
C ALA B 211 20.22 16.33 -2.57
N LEU B 212 20.50 15.03 -2.51
CA LEU B 212 21.52 14.51 -1.61
C LEU B 212 22.89 15.12 -1.92
N GLU B 213 23.28 15.11 -3.19
CA GLU B 213 24.59 15.67 -3.57
C GLU B 213 24.72 17.13 -3.14
N PHE B 214 23.71 17.93 -3.43
CA PHE B 214 23.73 19.34 -3.07
C PHE B 214 23.73 19.51 -1.55
N HIS B 215 23.00 18.65 -0.85
CA HIS B 215 22.92 18.74 0.60
C HIS B 215 24.27 18.50 1.26
N LEU B 216 25.02 17.54 0.72
CA LEU B 216 26.33 17.22 1.27
C LEU B 216 27.34 18.34 1.01
N GLN B 217 27.17 19.06 -0.10
CA GLN B 217 28.05 20.19 -0.41
C GLN B 217 27.90 21.27 0.67
N ALA B 218 26.65 21.61 0.98
CA ALA B 218 26.36 22.60 2.01
C ALA B 218 26.76 22.10 3.40
N ASN B 219 26.40 20.86 3.70
CA ASN B 219 26.51 20.34 5.06
C ASN B 219 27.88 19.73 5.38
N HIS B 220 28.55 19.18 4.36
CA HIS B 220 29.89 18.62 4.52
C HIS B 220 30.85 19.20 3.47
N PRO B 221 31.15 20.50 3.55
CA PRO B 221 31.97 21.10 2.50
C PRO B 221 33.42 20.61 2.46
N ASP B 222 33.95 20.12 3.58
CA ASP B 222 35.33 19.66 3.64
C ASP B 222 35.46 18.16 3.36
N ALA B 223 34.35 17.43 3.46
CA ALA B 223 34.36 15.99 3.24
C ALA B 223 34.26 15.68 1.75
N GLN B 224 35.37 15.27 1.15
CA GLN B 224 35.43 15.01 -0.27
C GLN B 224 35.18 13.53 -0.58
N TYR B 225 34.62 13.27 -1.76
CA TYR B 225 34.23 11.94 -2.20
C TYR B 225 33.15 11.32 -1.32
N LEU B 226 32.46 12.15 -0.54
CA LEU B 226 31.43 11.64 0.36
C LEU B 226 30.23 11.14 -0.44
N PHE B 227 29.86 11.84 -1.51
CA PHE B 227 28.69 11.43 -2.28
C PHE B 227 28.93 10.07 -2.95
N PRO B 228 30.02 9.94 -3.74
CA PRO B 228 30.33 8.62 -4.30
C PRO B 228 30.51 7.53 -3.23
N LYS B 229 31.01 7.91 -2.07
CA LYS B 229 31.16 6.95 -0.97
C LYS B 229 29.81 6.44 -0.53
N LEU B 230 28.82 7.33 -0.48
CA LEU B 230 27.48 6.95 -0.07
C LEU B 230 26.76 6.14 -1.14
N LEU B 231 27.10 6.35 -2.40
CA LEU B 231 26.51 5.53 -3.46
C LEU B 231 27.01 4.10 -3.31
N GLN B 232 28.29 3.95 -2.95
CA GLN B 232 28.86 2.64 -2.71
C GLN B 232 28.22 1.95 -1.50
N LYS B 233 27.92 2.71 -0.45
CA LYS B 233 27.25 2.15 0.71
C LYS B 233 25.87 1.62 0.33
N MET B 234 25.21 2.26 -0.63
CA MET B 234 23.91 1.81 -1.09
C MET B 234 24.04 0.45 -1.77
N ALA B 235 25.13 0.26 -2.51
CA ALA B 235 25.40 -1.04 -3.12
C ALA B 235 25.80 -2.04 -2.06
N ASP B 236 26.54 -1.59 -1.04
CA ASP B 236 26.97 -2.46 0.04
C ASP B 236 25.77 -2.99 0.80
N LEU B 237 24.77 -2.14 1.01
CA LEU B 237 23.56 -2.52 1.76
C LEU B 237 22.75 -3.56 1.01
N ARG B 238 22.83 -3.57 -0.31
CA ARG B 238 22.14 -4.57 -1.11
C ARG B 238 22.72 -5.96 -0.83
N GLN B 239 24.04 -6.03 -0.76
CA GLN B 239 24.72 -7.30 -0.49
C GLN B 239 24.51 -7.73 0.96
N LEU B 240 24.49 -6.77 1.87
CA LEU B 240 24.23 -7.05 3.28
C LEU B 240 22.85 -7.68 3.46
N VAL B 241 21.87 -7.19 2.70
CA VAL B 241 20.50 -7.68 2.81
C VAL B 241 20.37 -9.05 2.13
N THR B 242 21.07 -9.23 1.02
CA THR B 242 21.09 -10.52 0.35
C THR B 242 21.57 -11.58 1.32
N GLU B 243 22.68 -11.31 1.99
CA GLU B 243 23.24 -12.23 2.98
C GLU B 243 22.27 -12.45 4.13
N HIS B 244 21.62 -11.37 4.58
CA HIS B 244 20.66 -11.46 5.67
C HIS B 244 19.50 -12.39 5.31
N ALA B 245 19.00 -12.24 4.10
CA ALA B 245 17.89 -13.05 3.61
C ALA B 245 18.27 -14.53 3.55
N GLN B 246 19.49 -14.81 3.13
CA GLN B 246 19.99 -16.18 3.06
C GLN B 246 20.11 -16.79 4.45
N MET B 247 20.50 -15.97 5.42
CA MET B 247 20.62 -16.46 6.79
C MET B 247 19.23 -16.70 7.37
N MET B 248 18.28 -15.83 7.03
CA MET B 248 16.90 -16.02 7.47
C MET B 248 16.32 -17.32 6.89
N GLN B 249 16.69 -17.62 5.65
CA GLN B 249 16.26 -18.86 5.02
C GLN B 249 16.74 -20.06 5.83
N ARG B 250 17.96 -19.97 6.35
CA ARG B 250 18.53 -21.07 7.12
C ARG B 250 17.86 -21.21 8.48
N ILE B 251 17.53 -20.08 9.11
CA ILE B 251 16.80 -20.10 10.37
C ILE B 251 15.44 -20.76 10.18
N LYS B 252 14.77 -20.38 9.10
CA LYS B 252 13.47 -20.94 8.75
C LYS B 252 13.58 -22.44 8.51
N LYS B 253 14.72 -22.89 7.97
CA LYS B 253 14.91 -24.29 7.64
C LYS B 253 15.31 -25.14 8.86
N THR B 254 16.13 -24.58 9.74
CA THR B 254 16.77 -25.35 10.80
C THR B 254 16.28 -25.03 12.21
N GLU B 255 15.64 -23.88 12.38
CA GLU B 255 15.08 -23.49 13.68
C GLU B 255 13.56 -23.52 13.63
N THR B 256 13.01 -24.71 13.49
CA THR B 256 11.57 -24.90 13.26
C THR B 256 10.67 -24.43 14.40
N GLU B 257 11.19 -24.43 15.62
CA GLU B 257 10.42 -23.99 16.79
C GLU B 257 10.43 -22.47 16.95
N THR B 258 11.21 -21.78 16.11
CA THR B 258 11.27 -20.32 16.15
C THR B 258 10.20 -19.71 15.27
N SER B 259 9.38 -18.83 15.85
CA SER B 259 8.31 -18.18 15.11
C SER B 259 8.83 -17.01 14.30
N LEU B 260 8.23 -16.80 13.14
CA LEU B 260 8.58 -15.71 12.24
C LEU B 260 7.37 -14.79 12.08
N HIS B 261 7.55 -13.50 12.29
CA HIS B 261 6.44 -12.55 12.25
C HIS B 261 5.80 -12.55 10.87
N PRO B 262 4.45 -12.61 10.81
CA PRO B 262 3.76 -12.71 9.51
C PRO B 262 4.12 -11.64 8.49
N LEU B 263 4.35 -10.41 8.93
CA LEU B 263 4.74 -9.34 8.01
C LEU B 263 6.11 -9.62 7.41
N LEU B 264 7.03 -10.11 8.22
CA LEU B 264 8.37 -10.45 7.75
C LEU B 264 8.28 -11.65 6.81
N GLN B 265 7.33 -12.55 7.08
CA GLN B 265 7.11 -13.70 6.19
C GLN B 265 6.73 -13.20 4.79
N GLU B 266 5.86 -12.20 4.71
CA GLU B 266 5.44 -11.64 3.43
C GLU B 266 6.62 -10.95 2.72
N ILE B 267 7.51 -10.33 3.49
CA ILE B 267 8.67 -9.66 2.93
C ILE B 267 9.64 -10.65 2.27
N TYR B 268 9.90 -11.77 2.94
CA TYR B 268 10.81 -12.78 2.41
C TYR B 268 10.13 -13.78 1.48
N LYS B 269 8.84 -13.57 1.26
CA LYS B 269 7.96 -14.56 0.63
C LYS B 269 8.53 -15.19 -0.65
N ASP B 270 9.13 -14.37 -1.50
CA ASP B 270 9.69 -14.85 -2.77
C ASP B 270 11.06 -15.47 -2.54
#